data_2H4X
#
_entry.id   2H4X
#
_cell.length_a   48.498
_cell.length_b   71.362
_cell.length_c   160.162
_cell.angle_alpha   90.00
_cell.angle_beta   90.00
_cell.angle_gamma   90.00
#
_symmetry.space_group_name_H-M   'P 21 21 21'
#
loop_
_entity.id
_entity.type
_entity.pdbx_description
1 polymer 'Bisphosphoglycerate mutase'
2 non-polymer '3-PHOSPHOGLYCERIC ACID'
3 water water
#
_entity_poly.entity_id   1
_entity_poly.type   'polypeptide(L)'
_entity_poly.pdbx_seq_one_letter_code
;MSKYKLIMLRHGEGAWNKENRFCSWVDQKLNSEGMEEARNCGKQLKALNFEFDLVFTSVLNRSIHTAWLILEELGQEWVP
VESSWRLNERHYGALIGLNREQMALNHGEEQVRLWRRSYNVTPPPIEESHPYYQEIYNDRRYKVCDVPLDQLPRSESLKD
VLERLLPYWNERIAPEVLRGKTILISAHGNSSRALLKHLEGISDEDIINITLPTGVPILLELDENLRAVGPHQFLGDQEA
IQAAIKKVEDQGKVKQAKKLEHHHHHH
;
_entity_poly.pdbx_strand_id   A,B
#
loop_
_chem_comp.id
_chem_comp.type
_chem_comp.name
_chem_comp.formula
3PG non-polymer '3-PHOSPHOGLYCERIC ACID' 'C3 H7 O7 P'
#
# COMPACT_ATOMS: atom_id res chain seq x y z
N SER A 2 -9.81 -10.53 -28.88
CA SER A 2 -9.61 -9.24 -28.19
C SER A 2 -8.14 -8.97 -27.89
N LYS A 3 -7.83 -7.72 -27.59
CA LYS A 3 -6.47 -7.29 -27.28
C LYS A 3 -6.44 -6.72 -25.87
N TYR A 4 -5.37 -7.00 -25.13
CA TYR A 4 -5.23 -6.51 -23.77
C TYR A 4 -3.89 -5.84 -23.55
N LYS A 5 -3.88 -4.75 -22.80
CA LYS A 5 -2.64 -4.06 -22.49
C LYS A 5 -2.37 -4.09 -20.99
N LEU A 6 -1.10 -4.19 -20.65
CA LEU A 6 -0.67 -4.24 -19.26
C LEU A 6 0.59 -3.41 -19.11
N ILE A 7 0.85 -2.98 -17.87
CA ILE A 7 2.03 -2.19 -17.55
C ILE A 7 2.87 -2.91 -16.51
N MET A 8 4.16 -3.01 -16.77
CA MET A 8 5.08 -3.60 -15.80
C MET A 8 6.29 -2.69 -15.80
N LEU A 9 7.04 -2.69 -14.71
CA LEU A 9 8.22 -1.86 -14.62
C LEU A 9 9.08 -2.33 -13.48
N ARG A 10 10.34 -1.92 -13.50
CA ARG A 10 11.24 -2.25 -12.40
C ARG A 10 11.42 -0.92 -11.68
N HIS A 11 11.50 -0.98 -10.36
CA HIS A 11 11.65 0.20 -9.53
C HIS A 11 12.89 1.01 -9.86
N GLY A 12 12.97 2.19 -9.25
CA GLY A 12 14.08 3.07 -9.46
C GLY A 12 15.30 2.67 -8.65
N GLU A 13 16.29 3.56 -8.69
CA GLU A 13 17.57 3.38 -8.02
C GLU A 13 17.55 3.26 -6.49
N GLY A 14 18.57 2.59 -5.97
CA GLY A 14 18.76 2.41 -4.55
C GLY A 14 20.23 2.70 -4.30
N ALA A 15 20.68 2.68 -3.04
CA ALA A 15 22.08 2.96 -2.74
C ALA A 15 23.07 2.06 -3.48
N TRP A 16 22.81 0.76 -3.52
CA TRP A 16 23.72 -0.15 -4.19
C TRP A 16 23.83 0.02 -5.70
N ASN A 17 22.92 0.78 -6.29
CA ASN A 17 22.96 1.01 -7.73
C ASN A 17 24.23 1.77 -8.12
N LYS A 18 24.48 2.89 -7.45
CA LYS A 18 25.67 3.69 -7.72
C LYS A 18 26.91 2.93 -7.30
N GLU A 19 26.78 2.12 -6.25
CA GLU A 19 27.89 1.31 -5.75
C GLU A 19 28.15 0.13 -6.68
N ASN A 20 27.20 -0.17 -7.55
CA ASN A 20 27.30 -1.28 -8.50
C ASN A 20 27.41 -2.63 -7.81
N ARG A 21 26.52 -2.89 -6.86
CA ARG A 21 26.50 -4.15 -6.15
C ARG A 21 25.19 -4.91 -6.33
N PHE A 22 25.28 -6.22 -6.54
CA PHE A 22 24.08 -7.03 -6.71
C PHE A 22 23.27 -6.86 -5.42
N CYS A 23 21.99 -6.51 -5.56
CA CYS A 23 21.13 -6.33 -4.39
C CYS A 23 20.22 -7.54 -4.20
N SER A 24 19.48 -7.89 -5.25
CA SER A 24 18.63 -9.09 -5.20
C SER A 24 17.66 -9.12 -4.02
N TRP A 25 17.70 -10.20 -3.24
CA TRP A 25 16.78 -10.34 -2.10
C TRP A 25 17.05 -9.47 -0.88
N VAL A 26 18.13 -8.71 -0.87
CA VAL A 26 18.39 -7.82 0.26
C VAL A 26 17.27 -6.77 0.15
N ASP A 27 16.52 -6.57 1.23
CA ASP A 27 15.39 -5.63 1.22
C ASP A 27 15.79 -4.16 1.30
N GLN A 28 16.62 -3.70 0.36
CA GLN A 28 17.05 -2.31 0.36
C GLN A 28 15.95 -1.36 -0.08
N LYS A 29 15.89 -0.19 0.55
CA LYS A 29 14.88 0.81 0.20
C LYS A 29 15.34 1.66 -0.97
N LEU A 30 14.39 2.30 -1.63
CA LEU A 30 14.71 3.20 -2.74
C LEU A 30 15.40 4.39 -2.09
N ASN A 31 16.19 5.13 -2.86
CA ASN A 31 16.80 6.34 -2.31
C ASN A 31 15.99 7.48 -2.92
N SER A 32 16.40 8.72 -2.65
CA SER A 32 15.68 9.87 -3.18
C SER A 32 15.43 9.77 -4.68
N GLU A 33 16.48 9.46 -5.43
CA GLU A 33 16.37 9.33 -6.87
C GLU A 33 15.39 8.24 -7.29
N GLY A 34 15.43 7.10 -6.60
CA GLY A 34 14.54 6.01 -6.91
C GLY A 34 13.08 6.38 -6.67
N MET A 35 12.83 7.16 -5.63
CA MET A 35 11.48 7.60 -5.33
C MET A 35 11.00 8.53 -6.44
N GLU A 36 11.88 9.43 -6.86
CA GLU A 36 11.52 10.37 -7.92
C GLU A 36 11.22 9.62 -9.21
N GLU A 37 11.97 8.56 -9.48
CA GLU A 37 11.74 7.76 -10.69
C GLU A 37 10.33 7.19 -10.66
N ALA A 38 9.89 6.76 -9.49
CA ALA A 38 8.54 6.20 -9.33
C ALA A 38 7.51 7.28 -9.63
N ARG A 39 7.71 8.47 -9.07
CA ARG A 39 6.77 9.56 -9.30
C ARG A 39 6.72 9.91 -10.78
N ASN A 40 7.86 9.81 -11.47
CA ASN A 40 7.89 10.11 -12.89
C ASN A 40 7.03 9.10 -13.65
N CYS A 41 7.14 7.83 -13.29
CA CYS A 41 6.35 6.80 -13.92
C CYS A 41 4.86 7.06 -13.68
N GLY A 42 4.53 7.50 -12.48
CA GLY A 42 3.14 7.80 -12.16
C GLY A 42 2.62 8.92 -13.03
N LYS A 43 3.44 9.95 -13.23
CA LYS A 43 3.04 11.09 -14.04
C LYS A 43 2.81 10.71 -15.50
N GLN A 44 3.63 9.79 -16.01
CA GLN A 44 3.48 9.34 -17.39
C GLN A 44 2.17 8.57 -17.52
N LEU A 45 1.92 7.69 -16.56
CA LEU A 45 0.71 6.89 -16.58
C LEU A 45 -0.53 7.77 -16.43
N LYS A 46 -0.41 8.83 -15.63
CA LYS A 46 -1.55 9.74 -15.46
C LYS A 46 -1.84 10.41 -16.80
N ALA A 47 -0.78 10.81 -17.49
CA ALA A 47 -0.89 11.44 -18.80
C ALA A 47 -1.69 10.56 -19.77
N LEU A 48 -1.44 9.25 -19.71
CA LEU A 48 -2.13 8.30 -20.57
C LEU A 48 -3.50 7.92 -20.00
N ASN A 49 -3.86 8.60 -18.91
CA ASN A 49 -5.13 8.40 -18.23
C ASN A 49 -5.37 6.97 -17.77
N PHE A 50 -4.33 6.32 -17.29
CA PHE A 50 -4.48 4.95 -16.81
C PHE A 50 -5.35 4.93 -15.56
N GLU A 51 -6.24 3.94 -15.51
CA GLU A 51 -7.13 3.74 -14.38
C GLU A 51 -6.95 2.28 -13.98
N PHE A 52 -6.01 2.03 -13.08
CA PHE A 52 -5.74 0.67 -12.66
C PHE A 52 -6.84 0.05 -11.82
N ASP A 53 -6.95 -1.27 -11.92
CA ASP A 53 -7.94 -2.06 -11.20
C ASP A 53 -7.25 -2.91 -10.14
N LEU A 54 -6.00 -3.29 -10.40
CA LEU A 54 -5.22 -4.11 -9.48
C LEU A 54 -3.74 -3.88 -9.68
N VAL A 55 -2.98 -3.97 -8.59
CA VAL A 55 -1.53 -3.79 -8.63
C VAL A 55 -0.84 -4.99 -7.99
N PHE A 56 0.13 -5.56 -8.69
CA PHE A 56 0.87 -6.70 -8.15
C PHE A 56 2.32 -6.30 -7.92
N THR A 57 2.88 -6.71 -6.78
CA THR A 57 4.27 -6.37 -6.43
C THR A 57 4.95 -7.57 -5.79
N SER A 58 6.24 -7.43 -5.47
CA SER A 58 6.99 -8.49 -4.79
C SER A 58 6.86 -8.15 -3.31
N VAL A 59 7.55 -8.89 -2.44
CA VAL A 59 7.48 -8.58 -1.02
C VAL A 59 8.71 -7.76 -0.61
N LEU A 60 9.50 -7.34 -1.60
CA LEU A 60 10.67 -6.50 -1.36
C LEU A 60 10.08 -5.09 -1.29
N ASN A 61 10.31 -4.38 -0.19
CA ASN A 61 9.69 -3.06 -0.02
C ASN A 61 9.93 -2.04 -1.11
N ARG A 62 11.02 -2.15 -1.85
CA ARG A 62 11.26 -1.18 -2.90
C ARG A 62 10.24 -1.27 -4.02
N SER A 63 9.70 -2.46 -4.28
CA SER A 63 8.71 -2.62 -5.33
C SER A 63 7.36 -2.14 -4.81
N ILE A 64 7.13 -2.33 -3.52
CA ILE A 64 5.89 -1.90 -2.89
C ILE A 64 5.84 -0.38 -2.80
N HIS A 65 6.92 0.25 -2.35
CA HIS A 65 6.97 1.70 -2.25
C HIS A 65 6.81 2.32 -3.64
N THR A 66 7.37 1.67 -4.66
CA THR A 66 7.26 2.17 -6.03
C THR A 66 5.78 2.22 -6.42
N ALA A 67 5.05 1.14 -6.14
CA ALA A 67 3.63 1.05 -6.44
C ALA A 67 2.85 2.14 -5.70
N TRP A 68 3.15 2.33 -4.42
CA TRP A 68 2.47 3.33 -3.62
C TRP A 68 2.66 4.74 -4.19
N LEU A 69 3.88 5.03 -4.64
CA LEU A 69 4.18 6.35 -5.20
C LEU A 69 3.45 6.58 -6.51
N ILE A 70 3.37 5.53 -7.33
CA ILE A 70 2.68 5.61 -8.59
C ILE A 70 1.19 5.84 -8.32
N LEU A 71 0.61 5.08 -7.40
CA LEU A 71 -0.80 5.21 -7.07
C LEU A 71 -1.11 6.60 -6.53
N GLU A 72 -0.18 7.20 -5.78
CA GLU A 72 -0.42 8.54 -5.25
C GLU A 72 -0.44 9.56 -6.39
N GLU A 73 0.48 9.43 -7.33
CA GLU A 73 0.54 10.34 -8.46
C GLU A 73 -0.77 10.27 -9.26
N LEU A 74 -1.36 9.09 -9.28
CA LEU A 74 -2.62 8.85 -10.01
C LEU A 74 -3.87 9.17 -9.19
N GLY A 75 -3.71 9.30 -7.88
CA GLY A 75 -4.86 9.56 -7.03
C GLY A 75 -5.67 8.29 -6.99
N GLN A 76 -4.99 7.15 -7.05
CA GLN A 76 -5.64 5.85 -7.03
C GLN A 76 -5.16 4.95 -5.89
N GLU A 77 -4.86 5.56 -4.74
CA GLU A 77 -4.37 4.83 -3.58
C GLU A 77 -5.32 3.74 -3.08
N TRP A 78 -6.58 3.81 -3.47
CA TRP A 78 -7.58 2.83 -3.05
C TRP A 78 -7.55 1.55 -3.88
N VAL A 79 -6.83 1.56 -4.99
CA VAL A 79 -6.73 0.39 -5.87
C VAL A 79 -6.05 -0.77 -5.14
N PRO A 80 -6.66 -1.96 -5.17
CA PRO A 80 -6.11 -3.14 -4.51
C PRO A 80 -4.68 -3.49 -4.93
N VAL A 81 -3.85 -3.78 -3.92
CA VAL A 81 -2.46 -4.16 -4.15
C VAL A 81 -2.26 -5.56 -3.57
N GLU A 82 -1.51 -6.40 -4.28
CA GLU A 82 -1.20 -7.74 -3.79
C GLU A 82 0.30 -7.95 -3.96
N SER A 83 0.95 -8.43 -2.91
CA SER A 83 2.39 -8.66 -2.94
C SER A 83 2.73 -10.12 -2.73
N SER A 84 3.68 -10.62 -3.52
CA SER A 84 4.09 -12.03 -3.42
C SER A 84 5.58 -12.21 -3.64
N TRP A 85 6.17 -13.19 -2.95
CA TRP A 85 7.59 -13.45 -3.11
C TRP A 85 7.85 -13.97 -4.52
N ARG A 86 6.79 -14.44 -5.19
CA ARG A 86 6.98 -14.97 -6.53
C ARG A 86 7.32 -13.91 -7.57
N LEU A 87 7.25 -12.64 -7.17
CA LEU A 87 7.63 -11.55 -8.07
C LEU A 87 8.95 -10.94 -7.61
N ASN A 88 9.53 -11.52 -6.56
CA ASN A 88 10.82 -11.07 -6.03
C ASN A 88 11.87 -11.08 -7.12
N GLU A 89 12.88 -10.22 -6.98
CA GLU A 89 13.96 -10.17 -7.95
C GLU A 89 14.68 -11.52 -7.90
N ARG A 90 15.35 -11.89 -8.99
CA ARG A 90 16.07 -13.16 -9.03
C ARG A 90 17.05 -13.22 -7.87
N HIS A 91 17.13 -14.39 -7.23
CA HIS A 91 18.03 -14.59 -6.10
C HIS A 91 19.47 -14.81 -6.58
N TYR A 92 20.35 -13.85 -6.31
CA TYR A 92 21.75 -13.94 -6.74
C TYR A 92 22.68 -14.78 -5.86
N GLY A 93 22.10 -15.47 -4.87
CA GLY A 93 22.91 -16.31 -4.00
C GLY A 93 24.12 -15.62 -3.39
N ALA A 94 25.26 -16.32 -3.41
CA ALA A 94 26.49 -15.80 -2.84
C ALA A 94 26.98 -14.50 -3.48
N LEU A 95 26.50 -14.23 -4.69
CA LEU A 95 26.90 -13.00 -5.39
C LEU A 95 26.28 -11.74 -4.78
N ILE A 96 25.27 -11.94 -3.95
CA ILE A 96 24.60 -10.81 -3.30
C ILE A 96 25.61 -9.93 -2.56
N GLY A 97 25.51 -8.63 -2.77
CA GLY A 97 26.41 -7.71 -2.10
C GLY A 97 27.75 -7.50 -2.78
N LEU A 98 28.08 -8.35 -3.75
CA LEU A 98 29.37 -8.21 -4.44
C LEU A 98 29.29 -7.16 -5.54
N ASN A 99 30.43 -6.56 -5.85
CA ASN A 99 30.52 -5.53 -6.87
C ASN A 99 30.62 -6.18 -8.25
N ARG A 100 29.73 -5.78 -9.16
CA ARG A 100 29.69 -6.34 -10.52
C ARG A 100 30.97 -6.13 -11.31
N GLU A 101 31.56 -4.94 -11.21
CA GLU A 101 32.79 -4.67 -11.93
C GLU A 101 33.92 -5.50 -11.34
N GLN A 102 33.92 -5.65 -10.02
CA GLN A 102 34.95 -6.44 -9.37
C GLN A 102 34.85 -7.88 -9.89
N MET A 103 33.64 -8.36 -10.09
CA MET A 103 33.44 -9.71 -10.58
C MET A 103 33.95 -9.84 -12.02
N ALA A 104 33.86 -8.75 -12.77
CA ALA A 104 34.32 -8.74 -14.15
C ALA A 104 35.85 -8.84 -14.17
N LEU A 105 36.49 -8.11 -13.26
CA LEU A 105 37.95 -8.13 -13.16
C LEU A 105 38.42 -9.50 -12.68
N ASN A 106 37.66 -10.08 -11.76
CA ASN A 106 38.04 -11.38 -11.21
C ASN A 106 37.74 -12.59 -12.09
N HIS A 107 36.56 -12.60 -12.70
CA HIS A 107 36.14 -13.74 -13.52
C HIS A 107 36.00 -13.49 -15.02
N GLY A 108 36.17 -12.24 -15.44
CA GLY A 108 36.05 -11.92 -16.85
C GLY A 108 34.65 -11.45 -17.21
N GLU A 109 34.57 -10.59 -18.22
CA GLU A 109 33.30 -10.05 -18.67
C GLU A 109 32.34 -11.11 -19.20
N GLU A 110 32.87 -12.15 -19.85
CA GLU A 110 32.01 -13.20 -20.41
C GLU A 110 31.25 -13.92 -19.31
N GLN A 111 31.96 -14.35 -18.27
CA GLN A 111 31.35 -15.05 -17.16
C GLN A 111 30.29 -14.19 -16.45
N VAL A 112 30.60 -12.91 -16.26
CA VAL A 112 29.66 -12.02 -15.60
C VAL A 112 28.40 -11.85 -16.45
N ARG A 113 28.57 -11.76 -17.77
CA ARG A 113 27.41 -11.62 -18.65
C ARG A 113 26.52 -12.86 -18.50
N LEU A 114 27.13 -14.03 -18.39
CA LEU A 114 26.35 -15.25 -18.22
C LEU A 114 25.62 -15.24 -16.89
N TRP A 115 26.33 -14.90 -15.82
CA TRP A 115 25.71 -14.86 -14.50
C TRP A 115 24.51 -13.92 -14.50
N ARG A 116 24.68 -12.73 -15.07
CA ARG A 116 23.64 -11.71 -15.09
C ARG A 116 22.46 -11.92 -16.04
N ARG A 117 22.76 -12.30 -17.27
CA ARG A 117 21.72 -12.42 -18.29
C ARG A 117 21.37 -13.80 -18.86
N SER A 118 22.20 -14.81 -18.60
CA SER A 118 21.91 -16.14 -19.15
C SER A 118 20.62 -16.68 -18.57
N TYR A 119 20.07 -17.70 -19.22
CA TYR A 119 18.82 -18.29 -18.78
C TYR A 119 19.06 -19.45 -17.82
N ASN A 120 20.03 -20.29 -18.14
CA ASN A 120 20.30 -21.48 -17.33
C ASN A 120 21.41 -21.44 -16.28
N VAL A 121 22.29 -20.45 -16.33
CA VAL A 121 23.37 -20.41 -15.35
C VAL A 121 22.86 -20.03 -13.96
N THR A 122 23.21 -20.86 -12.98
CA THR A 122 22.80 -20.68 -11.59
C THR A 122 23.93 -20.08 -10.76
N PRO A 123 23.67 -18.97 -10.06
CA PRO A 123 24.73 -18.39 -9.25
C PRO A 123 25.01 -19.30 -8.04
N PRO A 124 26.21 -19.19 -7.46
CA PRO A 124 26.52 -20.04 -6.30
C PRO A 124 25.49 -19.73 -5.23
N PRO A 125 25.04 -20.75 -4.49
CA PRO A 125 24.04 -20.56 -3.43
C PRO A 125 24.57 -19.71 -2.28
N ILE A 126 23.68 -18.95 -1.64
CA ILE A 126 24.09 -18.12 -0.52
C ILE A 126 24.24 -19.03 0.70
N GLU A 127 25.32 -18.82 1.46
CA GLU A 127 25.61 -19.62 2.64
C GLU A 127 25.22 -18.87 3.90
N GLU A 128 25.01 -19.61 4.99
CA GLU A 128 24.62 -19.01 6.27
C GLU A 128 25.70 -18.04 6.75
N SER A 129 26.93 -18.25 6.31
CA SER A 129 28.03 -17.39 6.72
C SER A 129 28.03 -16.08 5.93
N HIS A 130 27.22 -16.04 4.87
CA HIS A 130 27.14 -14.84 4.04
C HIS A 130 26.65 -13.66 4.87
N PRO A 131 27.26 -12.48 4.68
CA PRO A 131 26.93 -11.25 5.40
C PRO A 131 25.45 -10.83 5.37
N TYR A 132 24.75 -11.15 4.29
CA TYR A 132 23.35 -10.76 4.21
C TYR A 132 22.34 -11.91 4.31
N TYR A 133 22.82 -13.08 4.72
CA TYR A 133 21.94 -14.25 4.85
C TYR A 133 20.87 -14.08 5.94
N GLN A 134 21.30 -13.80 7.16
CA GLN A 134 20.37 -13.63 8.27
C GLN A 134 19.30 -12.59 8.01
N GLU A 135 19.71 -11.41 7.57
CA GLU A 135 18.79 -10.31 7.28
C GLU A 135 17.68 -10.74 6.33
N ILE A 136 17.99 -11.68 5.45
CA ILE A 136 17.03 -12.18 4.49
C ILE A 136 16.10 -13.26 5.03
N TYR A 137 16.66 -14.37 5.49
CA TYR A 137 15.86 -15.48 5.96
C TYR A 137 15.25 -15.41 7.37
N ASN A 138 15.54 -14.35 8.11
CA ASN A 138 14.96 -14.21 9.45
C ASN A 138 13.74 -13.31 9.41
N ASP A 139 13.41 -12.78 8.24
CA ASP A 139 12.26 -11.88 8.11
C ASP A 139 10.96 -12.68 8.05
N ARG A 140 9.98 -12.23 8.81
CA ARG A 140 8.67 -12.88 8.90
C ARG A 140 7.95 -13.03 7.55
N ARG A 141 8.21 -12.12 6.62
CA ARG A 141 7.52 -12.20 5.33
C ARG A 141 7.78 -13.54 4.63
N TYR A 142 8.92 -14.15 4.92
CA TYR A 142 9.26 -15.44 4.29
C TYR A 142 8.82 -16.63 5.14
N LYS A 143 8.14 -16.35 6.24
CA LYS A 143 7.65 -17.40 7.12
C LYS A 143 6.18 -17.65 6.80
N VAL A 144 5.58 -16.73 6.06
CA VAL A 144 4.17 -16.85 5.70
C VAL A 144 3.95 -16.95 4.18
N CYS A 145 4.96 -17.44 3.46
CA CYS A 145 4.83 -17.61 2.01
C CYS A 145 4.10 -18.92 1.75
N ASP A 146 3.73 -19.15 0.49
CA ASP A 146 3.03 -20.39 0.13
C ASP A 146 4.05 -21.53 0.03
N VAL A 147 5.28 -21.24 0.44
CA VAL A 147 6.36 -22.22 0.44
C VAL A 147 7.12 -22.04 1.75
N PRO A 148 7.41 -23.14 2.45
CA PRO A 148 8.15 -23.09 3.72
C PRO A 148 9.47 -22.33 3.62
N LEU A 149 9.84 -21.66 4.71
CA LEU A 149 11.08 -20.89 4.75
C LEU A 149 12.29 -21.68 4.28
N ASP A 150 12.43 -22.91 4.79
CA ASP A 150 13.56 -23.77 4.44
C ASP A 150 13.55 -24.25 2.99
N GLN A 151 12.42 -24.07 2.30
CA GLN A 151 12.31 -24.50 0.92
C GLN A 151 12.43 -23.37 -0.11
N LEU A 152 12.63 -22.14 0.37
CA LEU A 152 12.80 -21.01 -0.54
C LEU A 152 14.19 -21.11 -1.16
N PRO A 153 14.36 -20.60 -2.39
CA PRO A 153 15.67 -20.66 -3.05
C PRO A 153 16.81 -19.95 -2.32
N ARG A 154 18.02 -20.43 -2.57
CA ARG A 154 19.23 -19.85 -1.99
C ARG A 154 20.04 -19.22 -3.13
N SER A 155 19.51 -19.39 -4.35
CA SER A 155 20.07 -18.82 -5.57
C SER A 155 19.15 -19.26 -6.70
N GLU A 156 19.13 -18.51 -7.79
CA GLU A 156 18.26 -18.83 -8.91
C GLU A 156 18.80 -18.46 -10.28
N SER A 157 18.59 -19.36 -11.24
CA SER A 157 18.98 -19.09 -12.61
C SER A 157 17.71 -18.37 -13.10
N LEU A 158 17.76 -17.72 -14.25
CA LEU A 158 16.56 -17.03 -14.73
C LEU A 158 15.46 -18.07 -14.94
N LYS A 159 15.88 -19.28 -15.32
CA LYS A 159 14.93 -20.37 -15.54
C LYS A 159 14.22 -20.68 -14.22
N ASP A 160 14.98 -20.70 -13.13
CA ASP A 160 14.39 -20.95 -11.80
C ASP A 160 13.36 -19.88 -11.49
N VAL A 161 13.67 -18.62 -11.79
CA VAL A 161 12.75 -17.53 -11.54
C VAL A 161 11.44 -17.76 -12.27
N LEU A 162 11.52 -18.02 -13.57
CA LEU A 162 10.32 -18.24 -14.35
C LEU A 162 9.49 -19.39 -13.79
N GLU A 163 10.16 -20.44 -13.33
CA GLU A 163 9.44 -21.58 -12.78
C GLU A 163 8.63 -21.24 -11.52
N ARG A 164 9.10 -20.29 -10.71
CA ARG A 164 8.31 -19.94 -9.52
C ARG A 164 7.43 -18.72 -9.75
N LEU A 165 7.67 -18.01 -10.85
CA LEU A 165 6.89 -16.81 -11.18
C LEU A 165 5.72 -17.12 -12.11
N LEU A 166 5.96 -17.99 -13.08
CA LEU A 166 4.94 -18.36 -14.06
C LEU A 166 3.61 -18.78 -13.44
N PRO A 167 3.65 -19.64 -12.40
CA PRO A 167 2.40 -20.09 -11.75
C PRO A 167 1.62 -18.91 -11.17
N TYR A 168 2.33 -17.94 -10.63
CA TYR A 168 1.70 -16.76 -10.04
C TYR A 168 1.02 -15.95 -11.14
N TRP A 169 1.72 -15.79 -12.27
CA TRP A 169 1.16 -15.05 -13.40
C TRP A 169 -0.08 -15.76 -13.91
N ASN A 170 0.06 -17.03 -14.27
CA ASN A 170 -1.05 -17.82 -14.79
C ASN A 170 -2.27 -17.87 -13.87
N GLU A 171 -2.02 -18.11 -12.59
CA GLU A 171 -3.09 -18.27 -11.61
C GLU A 171 -3.71 -17.04 -10.96
N ARG A 172 -2.93 -15.96 -10.81
CA ARG A 172 -3.47 -14.79 -10.14
C ARG A 172 -3.50 -13.48 -10.95
N ILE A 173 -2.61 -13.34 -11.92
CA ILE A 173 -2.60 -12.11 -12.71
C ILE A 173 -3.30 -12.26 -14.07
N ALA A 174 -2.92 -13.29 -14.82
CA ALA A 174 -3.50 -13.55 -16.14
C ALA A 174 -5.03 -13.56 -16.16
N PRO A 175 -5.66 -14.19 -15.16
CA PRO A 175 -7.13 -14.21 -15.16
C PRO A 175 -7.72 -12.79 -15.17
N GLU A 176 -7.10 -11.89 -14.42
CA GLU A 176 -7.59 -10.52 -14.35
C GLU A 176 -7.43 -9.83 -15.71
N VAL A 177 -6.35 -10.16 -16.40
CA VAL A 177 -6.11 -9.59 -17.72
C VAL A 177 -7.20 -10.05 -18.67
N LEU A 178 -7.55 -11.33 -18.59
CA LEU A 178 -8.58 -11.89 -19.46
C LEU A 178 -9.96 -11.36 -19.11
N ARG A 179 -10.08 -10.73 -17.95
CA ARG A 179 -11.35 -10.15 -17.50
C ARG A 179 -11.39 -8.68 -17.91
N GLY A 180 -10.40 -8.25 -18.69
CA GLY A 180 -10.35 -6.89 -19.14
C GLY A 180 -9.90 -5.87 -18.12
N LYS A 181 -9.34 -6.34 -17.01
CA LYS A 181 -8.87 -5.44 -15.95
C LYS A 181 -7.53 -4.80 -16.32
N THR A 182 -7.32 -3.57 -15.86
CA THR A 182 -6.08 -2.84 -16.13
C THR A 182 -5.11 -3.10 -14.99
N ILE A 183 -4.06 -3.83 -15.29
CA ILE A 183 -3.08 -4.24 -14.30
C ILE A 183 -1.71 -3.58 -14.37
N LEU A 184 -1.12 -3.37 -13.19
CA LEU A 184 0.22 -2.80 -13.06
C LEU A 184 1.05 -3.80 -12.28
N ILE A 185 2.21 -4.17 -12.83
CA ILE A 185 3.10 -5.09 -12.13
C ILE A 185 4.36 -4.30 -11.76
N SER A 186 4.56 -4.08 -10.46
CA SER A 186 5.73 -3.35 -9.97
C SER A 186 6.72 -4.42 -9.58
N ALA A 187 7.69 -4.70 -10.45
CA ALA A 187 8.64 -5.76 -10.18
C ALA A 187 10.11 -5.35 -10.20
N HIS A 188 10.95 -6.27 -10.64
CA HIS A 188 12.39 -6.05 -10.66
C HIS A 188 13.01 -6.36 -12.02
N GLY A 189 14.29 -6.08 -12.15
CA GLY A 189 14.99 -6.32 -13.40
C GLY A 189 14.87 -7.70 -14.00
N ASN A 190 15.34 -8.71 -13.27
CA ASN A 190 15.29 -10.06 -13.79
C ASN A 190 13.95 -10.79 -13.68
N SER A 191 13.15 -10.48 -12.66
CA SER A 191 11.85 -11.14 -12.58
C SER A 191 10.99 -10.62 -13.74
N SER A 192 11.22 -9.38 -14.15
CA SER A 192 10.48 -8.82 -15.29
C SER A 192 10.98 -9.47 -16.58
N ARG A 193 12.30 -9.68 -16.68
CA ARG A 193 12.85 -10.32 -17.87
C ARG A 193 12.29 -11.73 -18.00
N ALA A 194 12.14 -12.42 -16.87
CA ALA A 194 11.60 -13.79 -16.90
C ALA A 194 10.18 -13.79 -17.46
N LEU A 195 9.36 -12.86 -16.99
CA LEU A 195 7.98 -12.78 -17.45
C LEU A 195 7.93 -12.44 -18.96
N LEU A 196 8.74 -11.46 -19.36
CA LEU A 196 8.78 -11.06 -20.77
C LEU A 196 9.24 -12.21 -21.66
N LYS A 197 10.25 -12.96 -21.22
CA LYS A 197 10.74 -14.09 -22.00
C LYS A 197 9.58 -15.02 -22.33
N HIS A 198 8.74 -15.27 -21.33
CA HIS A 198 7.59 -16.15 -21.51
C HIS A 198 6.54 -15.54 -22.44
N LEU A 199 6.06 -14.36 -22.10
CA LEU A 199 5.03 -13.68 -22.88
C LEU A 199 5.41 -13.39 -24.33
N GLU A 200 6.69 -13.07 -24.57
CA GLU A 200 7.12 -12.77 -25.94
C GLU A 200 7.71 -13.97 -26.67
N GLY A 201 7.81 -15.09 -25.96
CA GLY A 201 8.36 -16.29 -26.57
C GLY A 201 9.83 -16.11 -26.97
N ILE A 202 10.58 -15.39 -26.14
CA ILE A 202 12.00 -15.16 -26.43
C ILE A 202 12.80 -16.42 -26.13
N SER A 203 13.69 -16.79 -27.05
CA SER A 203 14.51 -17.99 -26.89
C SER A 203 15.52 -17.87 -25.75
N ASP A 204 16.02 -19.01 -25.29
CA ASP A 204 17.00 -19.05 -24.23
C ASP A 204 18.22 -18.20 -24.58
N GLU A 205 18.60 -18.25 -25.86
CA GLU A 205 19.76 -17.51 -26.34
C GLU A 205 19.50 -16.01 -26.46
N ASP A 206 18.36 -15.64 -27.02
CA ASP A 206 18.06 -14.22 -27.19
C ASP A 206 17.76 -13.46 -25.91
N ILE A 207 17.29 -14.14 -24.86
CA ILE A 207 16.98 -13.43 -23.62
C ILE A 207 18.23 -12.81 -23.00
N ILE A 208 19.39 -13.36 -23.30
CA ILE A 208 20.65 -12.85 -22.76
C ILE A 208 20.91 -11.40 -23.16
N ASN A 209 20.38 -10.99 -24.32
CA ASN A 209 20.60 -9.63 -24.79
C ASN A 209 19.54 -8.62 -24.37
N ILE A 210 18.59 -9.07 -23.55
CA ILE A 210 17.54 -8.18 -23.07
C ILE A 210 17.90 -7.58 -21.71
N THR A 211 18.04 -6.26 -21.67
CA THR A 211 18.34 -5.54 -20.44
C THR A 211 17.27 -4.47 -20.26
N LEU A 212 16.73 -4.37 -19.05
CA LEU A 212 15.68 -3.39 -18.79
C LEU A 212 16.17 -2.22 -17.94
N PRO A 213 15.82 -0.98 -18.35
CA PRO A 213 16.24 0.21 -17.60
C PRO A 213 15.37 0.37 -16.36
N THR A 214 15.91 1.02 -15.33
CA THR A 214 15.18 1.24 -14.09
C THR A 214 14.17 2.38 -14.22
N GLY A 215 13.06 2.27 -13.49
CA GLY A 215 12.04 3.31 -13.49
C GLY A 215 11.46 3.72 -14.82
N VAL A 216 11.18 2.76 -15.69
CA VAL A 216 10.61 3.05 -17.00
C VAL A 216 9.41 2.14 -17.26
N PRO A 217 8.23 2.74 -17.51
CA PRO A 217 7.03 1.94 -17.79
C PRO A 217 7.25 1.05 -19.01
N ILE A 218 6.91 -0.22 -18.86
CA ILE A 218 7.05 -1.18 -19.95
C ILE A 218 5.64 -1.54 -20.39
N LEU A 219 5.32 -1.23 -21.63
CA LEU A 219 4.00 -1.50 -22.18
C LEU A 219 4.02 -2.83 -22.92
N LEU A 220 2.99 -3.64 -22.72
CA LEU A 220 2.93 -4.91 -23.41
C LEU A 220 1.49 -5.18 -23.79
N GLU A 221 1.29 -5.63 -25.03
CA GLU A 221 -0.03 -5.95 -25.54
C GLU A 221 -0.08 -7.45 -25.71
N LEU A 222 -1.15 -8.07 -25.23
CA LEU A 222 -1.31 -9.52 -25.33
C LEU A 222 -2.58 -9.83 -26.13
N ASP A 223 -2.61 -11.00 -26.76
CA ASP A 223 -3.76 -11.41 -27.54
C ASP A 223 -4.65 -12.36 -26.72
N GLU A 224 -5.70 -12.87 -27.35
CA GLU A 224 -6.64 -13.77 -26.69
C GLU A 224 -5.96 -14.94 -26.00
N ASN A 225 -4.79 -15.33 -26.48
CA ASN A 225 -4.06 -16.44 -25.88
C ASN A 225 -3.00 -15.96 -24.90
N LEU A 226 -3.15 -14.72 -24.46
CA LEU A 226 -2.25 -14.09 -23.51
C LEU A 226 -0.78 -14.16 -23.93
N ARG A 227 -0.56 -13.91 -25.22
CA ARG A 227 0.78 -13.91 -25.79
C ARG A 227 1.03 -12.54 -26.39
N ALA A 228 2.26 -12.05 -26.29
CA ALA A 228 2.63 -10.74 -26.81
C ALA A 228 2.27 -10.55 -28.27
N VAL A 229 1.53 -9.49 -28.58
CA VAL A 229 1.16 -9.19 -29.95
C VAL A 229 2.39 -8.69 -30.68
N GLY A 230 3.26 -8.02 -29.92
CA GLY A 230 4.51 -7.49 -30.47
C GLY A 230 5.50 -7.36 -29.33
N PRO A 231 6.74 -6.96 -29.59
CA PRO A 231 7.73 -6.82 -28.51
C PRO A 231 7.34 -5.75 -27.49
N HIS A 232 7.92 -5.82 -26.31
CA HIS A 232 7.63 -4.85 -25.25
C HIS A 232 8.16 -3.47 -25.67
N GLN A 233 7.48 -2.42 -25.23
CA GLN A 233 7.90 -1.07 -25.56
C GLN A 233 8.19 -0.27 -24.31
N PHE A 234 9.17 0.62 -24.38
CA PHE A 234 9.53 1.45 -23.25
C PHE A 234 8.90 2.83 -23.43
N LEU A 235 8.25 3.30 -22.37
CA LEU A 235 7.58 4.60 -22.40
C LEU A 235 8.55 5.71 -21.96
N GLY A 236 8.76 6.69 -22.84
CA GLY A 236 9.64 7.79 -22.52
C GLY A 236 10.57 8.14 -23.67
N ASP A 237 11.57 8.98 -23.39
CA ASP A 237 12.55 9.39 -24.38
C ASP A 237 13.40 8.17 -24.73
N GLN A 238 13.30 7.71 -25.98
CA GLN A 238 14.04 6.54 -26.43
C GLN A 238 15.57 6.63 -26.33
N GLU A 239 16.11 7.82 -26.51
CA GLU A 239 17.55 8.01 -26.42
C GLU A 239 18.02 7.86 -24.97
N ALA A 240 17.27 8.45 -24.05
CA ALA A 240 17.61 8.36 -22.63
C ALA A 240 17.43 6.92 -22.16
N ILE A 241 16.44 6.24 -22.73
CA ILE A 241 16.17 4.84 -22.37
C ILE A 241 17.32 3.93 -22.83
N GLN A 242 17.77 4.11 -24.06
CA GLN A 242 18.87 3.27 -24.56
C GLN A 242 20.15 3.59 -23.79
N ALA A 243 20.29 4.85 -23.38
CA ALA A 243 21.46 5.26 -22.63
C ALA A 243 21.45 4.58 -21.25
N ALA A 244 20.26 4.50 -20.66
CA ALA A 244 20.10 3.87 -19.34
C ALA A 244 20.39 2.37 -19.44
N ILE A 245 19.97 1.78 -20.56
CA ILE A 245 20.20 0.36 -20.79
C ILE A 245 21.71 0.10 -20.90
N LYS A 246 22.40 0.95 -21.67
CA LYS A 246 23.84 0.79 -21.85
C LYS A 246 24.55 0.90 -20.50
N LYS A 247 24.07 1.79 -19.65
CA LYS A 247 24.62 2.02 -18.32
C LYS A 247 24.56 0.72 -17.51
N VAL A 248 23.41 0.05 -17.56
CA VAL A 248 23.23 -1.20 -16.85
C VAL A 248 24.15 -2.27 -17.44
N GLU A 249 24.25 -2.31 -18.76
CA GLU A 249 25.13 -3.29 -19.42
C GLU A 249 26.58 -3.05 -18.99
N ASP A 250 27.00 -1.80 -19.00
CA ASP A 250 28.36 -1.42 -18.64
C ASP A 250 28.77 -1.71 -17.19
N GLN A 251 27.81 -1.95 -16.31
CA GLN A 251 28.16 -2.26 -14.92
C GLN A 251 28.93 -3.56 -14.85
N GLY A 252 28.80 -4.38 -15.88
CA GLY A 252 29.48 -5.66 -15.89
C GLY A 252 30.74 -5.66 -16.74
N LYS A 253 31.23 -4.48 -17.09
CA LYS A 253 32.41 -4.36 -17.93
C LYS A 253 33.56 -3.64 -17.22
N VAL A 254 34.78 -3.94 -17.66
CA VAL A 254 35.97 -3.31 -17.10
C VAL A 254 36.15 -1.96 -17.79
N LYS A 255 36.79 -1.02 -17.09
CA LYS A 255 37.01 0.31 -17.64
C LYS A 255 37.81 0.23 -18.94
N GLN A 256 37.50 1.12 -19.88
CA GLN A 256 38.20 1.16 -21.15
C GLN A 256 38.56 2.59 -21.55
N SER B 2 -6.84 -11.09 27.42
CA SER B 2 -8.00 -11.39 26.53
C SER B 2 -7.59 -12.41 25.47
N LYS B 3 -8.56 -13.02 24.81
CA LYS B 3 -8.26 -14.00 23.79
C LYS B 3 -7.67 -13.38 22.52
N TYR B 4 -8.15 -12.19 22.15
CA TYR B 4 -7.65 -11.52 20.95
C TYR B 4 -7.30 -10.05 21.20
N LYS B 5 -6.41 -9.53 20.37
CA LYS B 5 -6.00 -8.13 20.46
C LYS B 5 -6.16 -7.48 19.09
N LEU B 6 -6.63 -6.24 19.07
CA LEU B 6 -6.85 -5.51 17.83
C LEU B 6 -6.40 -4.07 18.00
N ILE B 7 -5.90 -3.46 16.93
CA ILE B 7 -5.47 -2.07 16.97
C ILE B 7 -6.26 -1.26 15.95
N MET B 8 -6.85 -0.15 16.39
CA MET B 8 -7.57 0.72 15.48
C MET B 8 -7.11 2.13 15.81
N LEU B 9 -7.25 3.04 14.86
CA LEU B 9 -6.82 4.41 15.07
C LEU B 9 -7.38 5.34 14.01
N ARG B 10 -7.31 6.64 14.27
CA ARG B 10 -7.74 7.63 13.31
C ARG B 10 -6.46 8.33 12.86
N HIS B 11 -6.39 8.68 11.59
CA HIS B 11 -5.23 9.33 11.00
C HIS B 11 -4.92 10.70 11.60
N GLY B 12 -3.76 11.24 11.23
CA GLY B 12 -3.36 12.54 11.72
C GLY B 12 -3.97 13.70 10.95
N GLU B 13 -3.46 14.90 11.23
CA GLU B 13 -3.92 16.16 10.63
C GLU B 13 -3.93 16.28 9.11
N GLY B 14 -4.84 17.14 8.65
CA GLY B 14 -4.98 17.45 7.25
C GLY B 14 -5.09 18.98 7.23
N ALA B 15 -5.09 19.60 6.05
CA ALA B 15 -5.17 21.05 5.97
C ALA B 15 -6.39 21.63 6.71
N TRP B 16 -7.52 20.94 6.63
CA TRP B 16 -8.74 21.41 7.28
C TRP B 16 -8.76 21.28 8.80
N ASN B 17 -7.68 20.78 9.37
CA ASN B 17 -7.60 20.65 10.82
C ASN B 17 -7.29 22.04 11.37
N LYS B 18 -6.32 22.70 10.74
CA LYS B 18 -5.94 24.05 11.15
C LYS B 18 -7.06 25.02 10.78
N GLU B 19 -7.72 24.77 9.64
CA GLU B 19 -8.81 25.62 9.20
C GLU B 19 -10.09 25.32 9.99
N ASN B 20 -10.06 24.22 10.74
CA ASN B 20 -11.19 23.78 11.56
C ASN B 20 -12.47 23.66 10.74
N ARG B 21 -12.42 22.86 9.68
CA ARG B 21 -13.58 22.64 8.82
C ARG B 21 -13.91 21.15 8.71
N PHE B 22 -15.20 20.83 8.72
CA PHE B 22 -15.63 19.44 8.58
C PHE B 22 -15.11 18.91 7.25
N CYS B 23 -14.36 17.80 7.30
CA CYS B 23 -13.81 17.22 6.07
C CYS B 23 -14.66 16.06 5.57
N SER B 24 -14.92 15.09 6.44
CA SER B 24 -15.77 13.96 6.07
C SER B 24 -15.33 13.25 4.78
N TRP B 25 -16.27 13.10 3.84
CA TRP B 25 -15.96 12.41 2.59
C TRP B 25 -15.06 13.13 1.59
N VAL B 26 -14.70 14.38 1.87
CA VAL B 26 -13.79 15.10 0.98
C VAL B 26 -12.45 14.36 1.11
N ASP B 27 -11.91 13.91 -0.01
CA ASP B 27 -10.66 13.14 -0.02
C ASP B 27 -9.39 13.98 0.20
N GLN B 28 -9.35 14.70 1.31
CA GLN B 28 -8.20 15.53 1.61
C GLN B 28 -7.00 14.69 2.05
N LYS B 29 -5.81 15.11 1.65
CA LYS B 29 -4.60 14.40 2.00
C LYS B 29 -4.07 14.84 3.36
N LEU B 30 -3.20 14.01 3.94
CA LEU B 30 -2.57 14.35 5.21
C LEU B 30 -1.59 15.47 4.90
N ASN B 31 -1.30 16.32 5.88
CA ASN B 31 -0.31 17.37 5.67
C ASN B 31 0.96 16.85 6.35
N SER B 32 2.01 17.66 6.37
CA SER B 32 3.28 17.25 6.97
C SER B 32 3.10 16.69 8.39
N GLU B 33 2.37 17.45 9.22
CA GLU B 33 2.13 17.04 10.61
C GLU B 33 1.37 15.71 10.69
N GLY B 34 0.37 15.55 9.83
CA GLY B 34 -0.41 14.33 9.84
C GLY B 34 0.41 13.11 9.47
N MET B 35 1.35 13.30 8.56
CA MET B 35 2.23 12.21 8.14
C MET B 35 3.12 11.83 9.31
N GLU B 36 3.61 12.84 10.03
CA GLU B 36 4.47 12.57 11.18
C GLU B 36 3.70 11.83 12.26
N GLU B 37 2.43 12.17 12.43
CA GLU B 37 1.59 11.51 13.42
C GLU B 37 1.52 10.02 13.09
N ALA B 38 1.44 9.71 11.80
CA ALA B 38 1.38 8.32 11.37
C ALA B 38 2.71 7.62 11.67
N ARG B 39 3.81 8.31 11.43
CA ARG B 39 5.12 7.71 11.72
C ARG B 39 5.24 7.43 13.22
N ASN B 40 4.69 8.33 14.04
CA ASN B 40 4.76 8.12 15.48
C ASN B 40 3.95 6.89 15.90
N CYS B 41 2.81 6.68 15.25
CA CYS B 41 2.00 5.51 15.57
C CYS B 41 2.81 4.26 15.24
N GLY B 42 3.43 4.27 14.06
CA GLY B 42 4.24 3.13 13.64
C GLY B 42 5.35 2.85 14.64
N LYS B 43 6.03 3.89 15.08
CA LYS B 43 7.12 3.73 16.03
C LYS B 43 6.60 3.17 17.37
N GLN B 44 5.44 3.66 17.80
CA GLN B 44 4.85 3.18 19.06
C GLN B 44 4.46 1.71 18.95
N LEU B 45 3.94 1.31 17.80
CA LEU B 45 3.53 -0.08 17.60
C LEU B 45 4.75 -0.99 17.48
N LYS B 46 5.84 -0.48 16.90
CA LYS B 46 7.06 -1.25 16.75
C LYS B 46 7.65 -1.47 18.15
N ALA B 47 7.59 -0.43 18.98
CA ALA B 47 8.12 -0.50 20.34
C ALA B 47 7.37 -1.55 21.16
N LEU B 48 6.16 -1.89 20.73
CA LEU B 48 5.35 -2.88 21.43
C LEU B 48 5.32 -4.23 20.72
N ASN B 49 6.20 -4.39 19.72
CA ASN B 49 6.34 -5.64 18.98
C ASN B 49 5.14 -6.07 18.13
N PHE B 50 4.30 -5.13 17.71
CA PHE B 50 3.17 -5.54 16.90
C PHE B 50 3.57 -6.05 15.53
N GLU B 51 3.02 -7.21 15.18
CA GLU B 51 3.28 -7.84 13.89
C GLU B 51 1.92 -8.08 13.25
N PHE B 52 1.54 -7.19 12.35
CA PHE B 52 0.25 -7.32 11.70
C PHE B 52 0.20 -8.35 10.60
N ASP B 53 -0.99 -8.93 10.43
CA ASP B 53 -1.22 -9.94 9.41
C ASP B 53 -2.13 -9.40 8.33
N LEU B 54 -2.90 -8.37 8.67
CA LEU B 54 -3.84 -7.76 7.74
C LEU B 54 -4.19 -6.35 8.21
N VAL B 55 -4.35 -5.45 7.25
CA VAL B 55 -4.70 -4.07 7.56
C VAL B 55 -5.94 -3.65 6.79
N PHE B 56 -6.89 -3.02 7.48
CA PHE B 56 -8.12 -2.55 6.85
C PHE B 56 -8.15 -1.03 6.90
N THR B 57 -8.57 -0.42 5.80
CA THR B 57 -8.65 1.04 5.72
C THR B 57 -9.93 1.44 4.99
N SER B 58 -10.18 2.75 4.90
CA SER B 58 -11.35 3.23 4.17
C SER B 58 -10.81 3.51 2.76
N VAL B 59 -11.61 4.12 1.90
CA VAL B 59 -11.14 4.44 0.56
C VAL B 59 -10.72 5.90 0.47
N LEU B 60 -10.71 6.58 1.62
CA LEU B 60 -10.27 7.97 1.68
C LEU B 60 -8.76 7.82 1.78
N ASN B 61 -8.02 8.49 0.89
CA ASN B 61 -6.58 8.32 0.86
C ASN B 61 -5.80 8.63 2.14
N ARG B 62 -6.33 9.51 2.99
CA ARG B 62 -5.60 9.82 4.21
C ARG B 62 -5.49 8.62 5.16
N SER B 63 -6.46 7.72 5.12
CA SER B 63 -6.39 6.54 5.99
C SER B 63 -5.46 5.50 5.37
N ILE B 64 -5.41 5.48 4.04
CA ILE B 64 -4.55 4.54 3.33
C ILE B 64 -3.08 4.95 3.53
N HIS B 65 -2.79 6.23 3.31
CA HIS B 65 -1.42 6.73 3.50
C HIS B 65 -0.98 6.53 4.95
N THR B 66 -1.91 6.64 5.89
CA THR B 66 -1.60 6.46 7.29
C THR B 66 -1.14 5.01 7.50
N ALA B 67 -1.89 4.08 6.92
CA ALA B 67 -1.54 2.67 7.02
C ALA B 67 -0.16 2.41 6.39
N TRP B 68 0.06 2.98 5.21
CA TRP B 68 1.35 2.80 4.53
C TRP B 68 2.52 3.35 5.36
N LEU B 69 2.33 4.50 5.99
CA LEU B 69 3.39 5.09 6.80
C LEU B 69 3.64 4.24 8.05
N ILE B 70 2.58 3.67 8.60
CA ILE B 70 2.70 2.82 9.78
C ILE B 70 3.47 1.56 9.39
N LEU B 71 3.06 0.92 8.30
CA LEU B 71 3.73 -0.30 7.85
C LEU B 71 5.21 -0.05 7.54
N GLU B 72 5.53 1.11 6.98
CA GLU B 72 6.93 1.40 6.69
C GLU B 72 7.75 1.46 7.98
N GLU B 73 7.23 2.15 9.00
CA GLU B 73 7.95 2.25 10.27
C GLU B 73 8.15 0.87 10.88
N LEU B 74 7.20 -0.02 10.65
CA LEU B 74 7.28 -1.38 11.17
C LEU B 74 8.09 -2.31 10.28
N GLY B 75 8.41 -1.85 9.08
CA GLY B 75 9.12 -2.70 8.13
C GLY B 75 8.19 -3.83 7.73
N GLN B 76 6.90 -3.51 7.64
CA GLN B 76 5.88 -4.49 7.28
C GLN B 76 5.09 -4.09 6.02
N GLU B 77 5.74 -3.38 5.10
CA GLU B 77 5.06 -2.94 3.88
C GLU B 77 4.42 -4.10 3.10
N TRP B 78 4.92 -5.31 3.30
CA TRP B 78 4.39 -6.49 2.60
C TRP B 78 3.06 -7.01 3.14
N VAL B 79 2.64 -6.53 4.31
CA VAL B 79 1.39 -6.98 4.92
C VAL B 79 0.18 -6.58 4.06
N PRO B 80 -0.71 -7.54 3.77
CA PRO B 80 -1.90 -7.29 2.95
C PRO B 80 -2.78 -6.16 3.48
N VAL B 81 -3.26 -5.33 2.55
CA VAL B 81 -4.12 -4.21 2.89
C VAL B 81 -5.42 -4.33 2.10
N GLU B 82 -6.55 -4.08 2.78
CA GLU B 82 -7.87 -4.10 2.14
C GLU B 82 -8.58 -2.80 2.49
N SER B 83 -9.23 -2.20 1.51
CA SER B 83 -9.92 -0.93 1.71
C SER B 83 -11.39 -1.01 1.38
N SER B 84 -12.22 -0.30 2.15
CA SER B 84 -13.66 -0.29 1.92
C SER B 84 -14.32 1.03 2.29
N TRP B 85 -15.31 1.43 1.52
CA TRP B 85 -16.02 2.67 1.79
C TRP B 85 -16.76 2.54 3.12
N ARG B 86 -16.98 1.30 3.55
CA ARG B 86 -17.69 1.07 4.80
C ARG B 86 -16.91 1.51 6.04
N LEU B 87 -15.63 1.84 5.85
CA LEU B 87 -14.82 2.34 6.95
C LEU B 87 -14.64 3.85 6.80
N ASN B 88 -15.21 4.41 5.74
CA ASN B 88 -15.15 5.86 5.49
C ASN B 88 -15.68 6.64 6.69
N GLU B 89 -15.17 7.86 6.86
CA GLU B 89 -15.61 8.71 7.96
C GLU B 89 -17.09 9.02 7.81
N ARG B 90 -17.74 9.38 8.92
CA ARG B 90 -19.16 9.71 8.89
C ARG B 90 -19.39 10.83 7.88
N HIS B 91 -20.45 10.69 7.08
CA HIS B 91 -20.78 11.69 6.07
C HIS B 91 -21.50 12.89 6.70
N TYR B 92 -20.83 14.05 6.69
CA TYR B 92 -21.40 15.26 7.28
C TYR B 92 -22.40 16.00 6.40
N GLY B 93 -22.68 15.43 5.22
CA GLY B 93 -23.64 16.03 4.31
C GLY B 93 -23.36 17.49 4.00
N ALA B 94 -24.38 18.34 4.15
CA ALA B 94 -24.26 19.76 3.88
C ALA B 94 -23.27 20.50 4.78
N LEU B 95 -22.95 19.93 5.94
CA LEU B 95 -22.02 20.59 6.85
C LEU B 95 -20.57 20.50 6.37
N ILE B 96 -20.31 19.66 5.38
CA ILE B 96 -18.97 19.52 4.84
C ILE B 96 -18.43 20.86 4.37
N GLY B 97 -17.21 21.19 4.77
CA GLY B 97 -16.60 22.45 4.36
C GLY B 97 -16.86 23.60 5.31
N LEU B 98 -17.81 23.44 6.22
CA LEU B 98 -18.14 24.51 7.16
C LEU B 98 -17.16 24.57 8.32
N ASN B 99 -17.00 25.77 8.88
CA ASN B 99 -16.09 26.01 9.99
C ASN B 99 -16.78 25.72 11.33
N ARG B 100 -16.25 24.76 12.07
CA ARG B 100 -16.83 24.38 13.36
C ARG B 100 -17.00 25.52 14.38
N GLU B 101 -15.94 26.31 14.58
CA GLU B 101 -16.01 27.40 15.54
C GLU B 101 -17.01 28.48 15.14
N GLN B 102 -17.09 28.76 13.84
CA GLN B 102 -18.03 29.76 13.35
C GLN B 102 -19.45 29.28 13.55
N MET B 103 -19.65 27.96 13.38
CA MET B 103 -20.97 27.38 13.54
C MET B 103 -21.37 27.43 15.01
N ALA B 104 -20.40 27.26 15.90
CA ALA B 104 -20.66 27.30 17.34
C ALA B 104 -21.03 28.72 17.75
N LEU B 105 -20.39 29.69 17.12
CA LEU B 105 -20.65 31.09 17.40
C LEU B 105 -22.07 31.45 16.98
N ASN B 106 -22.44 31.01 15.79
CA ASN B 106 -23.75 31.30 15.22
C ASN B 106 -24.93 30.50 15.80
N HIS B 107 -24.70 29.24 16.18
CA HIS B 107 -25.78 28.42 16.70
C HIS B 107 -25.63 27.96 18.14
N GLY B 108 -24.47 28.21 18.73
CA GLY B 108 -24.24 27.79 20.11
C GLY B 108 -23.38 26.55 20.21
N GLU B 109 -22.45 26.55 21.15
CA GLU B 109 -21.55 25.43 21.37
C GLU B 109 -22.29 24.10 21.56
N GLU B 110 -23.36 24.11 22.35
CA GLU B 110 -24.13 22.89 22.61
C GLU B 110 -24.77 22.33 21.35
N GLN B 111 -25.17 23.22 20.44
CA GLN B 111 -25.80 22.79 19.20
C GLN B 111 -24.79 22.06 18.34
N VAL B 112 -23.58 22.62 18.22
CA VAL B 112 -22.53 22.01 17.42
C VAL B 112 -22.07 20.70 18.07
N ARG B 113 -21.98 20.68 19.39
CA ARG B 113 -21.56 19.46 20.06
C ARG B 113 -22.56 18.34 19.77
N LEU B 114 -23.83 18.70 19.69
CA LEU B 114 -24.88 17.72 19.39
C LEU B 114 -24.67 17.16 17.99
N TRP B 115 -24.50 18.06 17.01
CA TRP B 115 -24.30 17.63 15.63
C TRP B 115 -23.04 16.77 15.48
N ARG B 116 -22.00 17.10 16.23
CA ARG B 116 -20.75 16.35 16.15
C ARG B 116 -20.78 14.99 16.83
N ARG B 117 -21.33 14.92 18.03
CA ARG B 117 -21.30 13.67 18.79
C ARG B 117 -22.58 12.88 18.98
N SER B 118 -23.71 13.44 18.58
CA SER B 118 -24.99 12.72 18.74
C SER B 118 -24.95 11.38 18.03
N TYR B 119 -25.57 10.37 18.63
CA TYR B 119 -25.63 9.07 18.00
C TYR B 119 -26.74 9.06 16.97
N ASN B 120 -27.83 9.75 17.27
CA ASN B 120 -29.00 9.77 16.40
C ASN B 120 -29.21 10.87 15.36
N VAL B 121 -28.75 12.10 15.65
CA VAL B 121 -28.97 13.20 14.71
C VAL B 121 -28.26 13.08 13.37
N THR B 122 -29.05 13.09 12.29
CA THR B 122 -28.53 12.99 10.93
C THR B 122 -28.35 14.38 10.33
N PRO B 123 -27.15 14.69 9.84
CA PRO B 123 -26.90 16.01 9.24
C PRO B 123 -27.73 16.16 7.96
N PRO B 124 -28.00 17.40 7.54
CA PRO B 124 -28.78 17.59 6.31
C PRO B 124 -27.98 17.00 5.15
N PRO B 125 -28.65 16.32 4.21
CA PRO B 125 -27.98 15.71 3.06
C PRO B 125 -27.21 16.72 2.22
N ILE B 126 -26.10 16.28 1.63
CA ILE B 126 -25.32 17.17 0.78
C ILE B 126 -26.05 17.24 -0.57
N GLU B 127 -26.21 18.46 -1.07
CA GLU B 127 -26.90 18.70 -2.34
C GLU B 127 -25.90 18.82 -3.49
N GLU B 128 -26.37 18.59 -4.72
CA GLU B 128 -25.50 18.68 -5.88
C GLU B 128 -24.95 20.10 -6.04
N SER B 129 -25.62 21.06 -5.40
CA SER B 129 -25.19 22.45 -5.47
C SER B 129 -24.07 22.73 -4.48
N HIS B 130 -23.81 21.78 -3.58
CA HIS B 130 -22.76 21.92 -2.59
C HIS B 130 -21.40 21.97 -3.28
N PRO B 131 -20.52 22.90 -2.87
CA PRO B 131 -19.18 23.10 -3.42
C PRO B 131 -18.30 21.85 -3.52
N TYR B 132 -18.54 20.86 -2.67
CA TYR B 132 -17.72 19.65 -2.71
C TYR B 132 -18.46 18.38 -3.10
N TYR B 133 -19.68 18.53 -3.62
CA TYR B 133 -20.47 17.37 -4.04
C TYR B 133 -19.78 16.66 -5.21
N GLN B 134 -19.41 17.43 -6.22
CA GLN B 134 -18.76 16.89 -7.41
C GLN B 134 -17.46 16.17 -7.11
N GLU B 135 -16.55 16.85 -6.39
CA GLU B 135 -15.26 16.27 -6.02
C GLU B 135 -15.40 14.93 -5.31
N ILE B 136 -16.58 14.69 -4.74
CA ILE B 136 -16.83 13.45 -4.01
C ILE B 136 -17.43 12.33 -4.85
N TYR B 137 -18.60 12.57 -5.42
CA TYR B 137 -19.29 11.55 -6.20
C TYR B 137 -18.88 11.29 -7.64
N ASN B 138 -17.91 12.04 -8.16
CA ASN B 138 -17.47 11.81 -9.53
C ASN B 138 -16.19 10.97 -9.54
N ASP B 139 -15.83 10.42 -8.39
CA ASP B 139 -14.63 9.61 -8.28
C ASP B 139 -14.90 8.14 -8.55
N ARG B 140 -14.02 7.51 -9.31
CA ARG B 140 -14.17 6.10 -9.68
C ARG B 140 -14.27 5.13 -8.51
N ARG B 141 -13.65 5.48 -7.38
CA ARG B 141 -13.69 4.59 -6.23
C ARG B 141 -15.13 4.31 -5.77
N TYR B 142 -16.04 5.23 -6.03
CA TYR B 142 -17.44 5.05 -5.62
C TYR B 142 -18.30 4.45 -6.72
N LYS B 143 -17.67 4.06 -7.82
CA LYS B 143 -18.38 3.44 -8.93
C LYS B 143 -18.16 1.94 -8.86
N VAL B 144 -17.23 1.54 -8.00
CA VAL B 144 -16.91 0.12 -7.83
C VAL B 144 -17.12 -0.39 -6.39
N CYS B 145 -18.06 0.21 -5.68
CA CYS B 145 -18.37 -0.21 -4.31
C CYS B 145 -19.37 -1.35 -4.35
N ASP B 146 -19.68 -1.94 -3.20
CA ASP B 146 -20.63 -3.05 -3.16
C ASP B 146 -22.08 -2.58 -3.29
N VAL B 147 -22.26 -1.29 -3.49
CA VAL B 147 -23.59 -0.71 -3.68
C VAL B 147 -23.44 0.36 -4.76
N PRO B 148 -24.48 0.57 -5.57
CA PRO B 148 -24.43 1.57 -6.63
C PRO B 148 -24.13 2.98 -6.10
N LEU B 149 -23.51 3.79 -6.95
CA LEU B 149 -23.16 5.16 -6.62
C LEU B 149 -24.36 5.92 -6.07
N ASP B 150 -25.51 5.75 -6.72
CA ASP B 150 -26.74 6.43 -6.33
C ASP B 150 -27.25 5.95 -4.97
N GLN B 151 -26.73 4.82 -4.49
CA GLN B 151 -27.16 4.29 -3.22
C GLN B 151 -26.27 4.68 -2.04
N LEU B 152 -25.14 5.31 -2.34
CA LEU B 152 -24.24 5.74 -1.27
C LEU B 152 -24.91 6.87 -0.49
N PRO B 153 -24.61 6.98 0.82
CA PRO B 153 -25.22 8.02 1.64
C PRO B 153 -24.86 9.45 1.20
N ARG B 154 -25.74 10.38 1.54
CA ARG B 154 -25.54 11.80 1.24
C ARG B 154 -25.36 12.54 2.57
N SER B 155 -25.54 11.81 3.67
CA SER B 155 -25.36 12.32 5.03
C SER B 155 -25.62 11.13 5.97
N GLU B 156 -25.02 11.15 7.16
CA GLU B 156 -25.20 10.05 8.09
C GLU B 156 -25.11 10.46 9.55
N SER B 157 -25.94 9.82 10.38
CA SER B 157 -25.91 10.04 11.82
C SER B 157 -24.88 8.98 12.21
N LEU B 158 -24.39 9.01 13.44
CA LEU B 158 -23.42 8.01 13.85
C LEU B 158 -24.07 6.63 13.73
N LYS B 159 -25.37 6.57 13.98
CA LYS B 159 -26.11 5.31 13.88
C LYS B 159 -26.07 4.79 12.45
N ASP B 160 -26.28 5.69 11.48
CA ASP B 160 -26.23 5.29 10.08
C ASP B 160 -24.87 4.70 9.76
N VAL B 161 -23.82 5.33 10.31
CA VAL B 161 -22.46 4.86 10.08
C VAL B 161 -22.30 3.43 10.56
N LEU B 162 -22.71 3.16 11.80
CA LEU B 162 -22.59 1.81 12.34
C LEU B 162 -23.36 0.82 11.48
N GLU B 163 -24.53 1.22 11.00
CA GLU B 163 -25.34 0.33 10.18
C GLU B 163 -24.67 -0.10 8.89
N ARG B 164 -23.82 0.74 8.31
CA ARG B 164 -23.13 0.35 7.09
C ARG B 164 -21.71 -0.14 7.33
N LEU B 165 -21.23 0.03 8.56
CA LEU B 165 -19.89 -0.42 8.90
C LEU B 165 -19.95 -1.83 9.50
N LEU B 166 -20.99 -2.09 10.28
CA LEU B 166 -21.15 -3.38 10.93
C LEU B 166 -21.08 -4.57 9.96
N PRO B 167 -21.73 -4.46 8.80
CA PRO B 167 -21.70 -5.55 7.81
C PRO B 167 -20.27 -5.92 7.40
N TYR B 168 -19.43 -4.90 7.28
CA TYR B 168 -18.05 -5.11 6.88
C TYR B 168 -17.29 -5.78 8.03
N TRP B 169 -17.52 -5.33 9.26
CA TRP B 169 -16.87 -5.93 10.41
C TRP B 169 -17.24 -7.41 10.52
N ASN B 170 -18.54 -7.68 10.42
CA ASN B 170 -19.05 -9.04 10.50
C ASN B 170 -18.54 -9.96 9.39
N GLU B 171 -18.60 -9.46 8.15
CA GLU B 171 -18.19 -10.24 6.99
C GLU B 171 -16.70 -10.39 6.70
N ARG B 172 -15.94 -9.31 6.86
CA ARG B 172 -14.51 -9.35 6.53
C ARG B 172 -13.51 -9.32 7.68
N ILE B 173 -13.71 -8.39 8.62
CA ILE B 173 -12.78 -8.22 9.72
C ILE B 173 -12.91 -9.24 10.86
N ALA B 174 -14.10 -9.36 11.41
CA ALA B 174 -14.33 -10.29 12.53
C ALA B 174 -13.79 -11.70 12.27
N PRO B 175 -14.08 -12.28 11.10
CA PRO B 175 -13.58 -13.64 10.82
C PRO B 175 -12.06 -13.77 10.96
N GLU B 176 -11.33 -12.75 10.50
CA GLU B 176 -9.88 -12.78 10.59
C GLU B 176 -9.41 -12.71 12.03
N VAL B 177 -10.06 -11.90 12.84
CA VAL B 177 -9.70 -11.77 14.24
C VAL B 177 -9.88 -13.12 14.96
N LEU B 178 -10.99 -13.79 14.67
CA LEU B 178 -11.28 -15.08 15.27
C LEU B 178 -10.25 -16.13 14.87
N ARG B 179 -9.62 -15.93 13.71
CA ARG B 179 -8.60 -16.84 13.22
C ARG B 179 -7.26 -16.59 13.91
N GLY B 180 -7.23 -15.59 14.78
CA GLY B 180 -6.01 -15.29 15.51
C GLY B 180 -5.09 -14.28 14.82
N LYS B 181 -5.54 -13.70 13.72
CA LYS B 181 -4.73 -12.72 13.00
C LYS B 181 -4.68 -11.39 13.75
N THR B 182 -3.52 -10.74 13.68
CA THR B 182 -3.35 -9.45 14.34
C THR B 182 -3.73 -8.40 13.30
N ILE B 183 -4.83 -7.70 13.58
CA ILE B 183 -5.37 -6.70 12.66
C ILE B 183 -5.18 -5.25 13.05
N LEU B 184 -4.96 -4.42 12.03
CA LEU B 184 -4.81 -2.99 12.20
C LEU B 184 -5.94 -2.36 11.40
N ILE B 185 -6.70 -1.48 12.03
CA ILE B 185 -7.79 -0.80 11.34
C ILE B 185 -7.44 0.68 11.30
N SER B 186 -7.17 1.18 10.10
CA SER B 186 -6.82 2.59 9.90
C SER B 186 -8.10 3.28 9.43
N ALA B 187 -8.80 3.93 10.35
CA ALA B 187 -10.05 4.58 10.03
C ALA B 187 -10.11 6.07 10.37
N HIS B 188 -11.29 6.53 10.79
CA HIS B 188 -11.49 7.94 11.09
C HIS B 188 -12.11 8.23 12.46
N GLY B 189 -12.23 9.51 12.78
CA GLY B 189 -12.77 9.91 14.05
C GLY B 189 -14.11 9.28 14.44
N ASN B 190 -15.12 9.48 13.61
CA ASN B 190 -16.43 8.93 13.90
C ASN B 190 -16.67 7.49 13.47
N SER B 191 -16.04 7.04 12.39
CA SER B 191 -16.24 5.66 12.00
C SER B 191 -15.61 4.76 13.07
N SER B 192 -14.56 5.26 13.73
CA SER B 192 -13.91 4.52 14.79
C SER B 192 -14.80 4.53 16.04
N ARG B 193 -15.43 5.67 16.31
CA ARG B 193 -16.34 5.78 17.46
C ARG B 193 -17.46 4.77 17.27
N ALA B 194 -17.92 4.64 16.03
CA ALA B 194 -19.00 3.70 15.72
C ALA B 194 -18.61 2.26 16.05
N LEU B 195 -17.42 1.84 15.62
CA LEU B 195 -16.96 0.48 15.87
C LEU B 195 -16.75 0.24 17.36
N LEU B 196 -16.20 1.24 18.05
CA LEU B 196 -15.98 1.10 19.49
C LEU B 196 -17.30 0.92 20.22
N LYS B 197 -18.33 1.65 19.80
CA LYS B 197 -19.64 1.54 20.44
C LYS B 197 -20.11 0.09 20.39
N HIS B 198 -19.93 -0.52 19.22
CA HIS B 198 -20.33 -1.92 19.01
C HIS B 198 -19.51 -2.89 19.84
N LEU B 199 -18.19 -2.81 19.71
CA LEU B 199 -17.30 -3.72 20.43
C LEU B 199 -17.34 -3.61 21.94
N GLU B 200 -17.51 -2.39 22.46
CA GLU B 200 -17.55 -2.17 23.91
C GLU B 200 -18.97 -2.13 24.47
N GLY B 201 -19.96 -2.23 23.60
CA GLY B 201 -21.34 -2.18 24.04
C GLY B 201 -21.67 -0.87 24.72
N ILE B 202 -21.16 0.23 24.16
CA ILE B 202 -21.41 1.56 24.70
C ILE B 202 -22.85 1.97 24.39
N SER B 203 -23.53 2.54 25.39
CA SER B 203 -24.92 2.95 25.18
C SER B 203 -25.02 4.16 24.25
N ASP B 204 -26.21 4.37 23.71
CA ASP B 204 -26.46 5.49 22.82
C ASP B 204 -26.14 6.81 23.52
N GLU B 205 -26.33 6.84 24.83
CA GLU B 205 -26.07 8.04 25.61
C GLU B 205 -24.57 8.26 25.87
N ASP B 206 -23.89 7.21 26.30
CA ASP B 206 -22.47 7.32 26.61
C ASP B 206 -21.56 7.54 25.40
N ILE B 207 -21.97 7.10 24.21
CA ILE B 207 -21.11 7.27 23.04
C ILE B 207 -20.88 8.74 22.71
N ILE B 208 -21.80 9.61 23.13
CA ILE B 208 -21.69 11.04 22.89
C ILE B 208 -20.45 11.66 23.55
N ASN B 209 -20.02 11.07 24.66
CA ASN B 209 -18.87 11.58 25.40
C ASN B 209 -17.52 11.05 24.93
N ILE B 210 -17.52 10.20 23.91
CA ILE B 210 -16.28 9.64 23.40
C ILE B 210 -15.73 10.45 22.22
N THR B 211 -14.56 11.06 22.42
CA THR B 211 -13.90 11.82 21.36
C THR B 211 -12.52 11.19 21.23
N LEU B 212 -12.13 10.88 19.99
CA LEU B 212 -10.83 10.23 19.77
C LEU B 212 -9.74 11.17 19.29
N PRO B 213 -8.54 11.07 19.90
CA PRO B 213 -7.41 11.92 19.52
C PRO B 213 -6.85 11.43 18.18
N THR B 214 -6.28 12.33 17.40
CA THR B 214 -5.71 11.94 16.10
C THR B 214 -4.34 11.29 16.27
N GLY B 215 -4.04 10.34 15.38
CA GLY B 215 -2.76 9.66 15.38
C GLY B 215 -2.33 9.01 16.69
N VAL B 216 -3.22 8.22 17.28
CA VAL B 216 -2.91 7.52 18.53
C VAL B 216 -3.45 6.10 18.43
N PRO B 217 -2.57 5.10 18.56
CA PRO B 217 -3.03 3.71 18.47
C PRO B 217 -4.03 3.39 19.58
N ILE B 218 -5.11 2.71 19.22
CA ILE B 218 -6.14 2.33 20.19
C ILE B 218 -6.14 0.82 20.30
N LEU B 219 -5.76 0.31 21.46
CA LEU B 219 -5.73 -1.13 21.68
C LEU B 219 -7.05 -1.62 22.25
N LEU B 220 -7.59 -2.66 21.64
CA LEU B 220 -8.84 -3.23 22.10
C LEU B 220 -8.61 -4.72 22.32
N GLU B 221 -8.97 -5.21 23.50
CA GLU B 221 -8.81 -6.61 23.83
C GLU B 221 -10.19 -7.26 23.85
N LEU B 222 -10.38 -8.28 23.02
CA LEU B 222 -11.66 -8.94 22.90
C LEU B 222 -11.69 -10.37 23.43
N ASP B 223 -12.88 -10.85 23.78
CA ASP B 223 -13.04 -12.20 24.27
C ASP B 223 -13.44 -13.11 23.11
N GLU B 224 -13.71 -14.38 23.43
CA GLU B 224 -14.10 -15.36 22.41
C GLU B 224 -15.28 -14.94 21.55
N ASN B 225 -16.11 -14.04 22.07
CA ASN B 225 -17.28 -13.57 21.33
C ASN B 225 -17.03 -12.20 20.69
N LEU B 226 -15.75 -11.79 20.69
CA LEU B 226 -15.34 -10.52 20.12
C LEU B 226 -15.91 -9.31 20.85
N ARG B 227 -16.17 -9.47 22.14
CA ARG B 227 -16.68 -8.39 22.97
C ARG B 227 -15.51 -7.86 23.79
N ALA B 228 -15.39 -6.55 23.89
CA ALA B 228 -14.30 -5.93 24.64
C ALA B 228 -14.27 -6.46 26.07
N VAL B 229 -13.07 -6.75 26.55
CA VAL B 229 -12.89 -7.25 27.92
C VAL B 229 -12.79 -6.07 28.87
N GLY B 230 -12.37 -4.93 28.31
CA GLY B 230 -12.25 -3.72 29.10
C GLY B 230 -12.37 -2.54 28.16
N PRO B 231 -12.35 -1.31 28.68
CA PRO B 231 -12.47 -0.15 27.79
C PRO B 231 -11.24 -0.06 26.88
N HIS B 232 -11.37 0.63 25.75
CA HIS B 232 -10.24 0.76 24.85
C HIS B 232 -9.07 1.40 25.57
N GLN B 233 -7.86 1.09 25.12
CA GLN B 233 -6.66 1.63 25.73
C GLN B 233 -5.83 2.41 24.72
N PHE B 234 -5.69 3.71 24.94
CA PHE B 234 -4.87 4.54 24.06
C PHE B 234 -3.41 4.24 24.40
N LEU B 235 -2.63 3.85 23.40
CA LEU B 235 -1.22 3.54 23.62
C LEU B 235 -0.33 4.78 23.54
N GLY B 236 0.18 5.20 24.69
CA GLY B 236 1.04 6.36 24.73
C GLY B 236 0.98 7.08 26.06
N ASP B 237 1.50 8.30 26.10
CA ASP B 237 1.49 9.09 27.33
C ASP B 237 0.08 9.64 27.53
N GLN B 238 -0.58 9.18 28.59
CA GLN B 238 -1.96 9.59 28.86
C GLN B 238 -2.20 11.10 28.96
N GLU B 239 -1.24 11.83 29.52
CA GLU B 239 -1.40 13.28 29.65
C GLU B 239 -1.49 13.93 28.27
N ALA B 240 -0.57 13.55 27.38
CA ALA B 240 -0.54 14.08 26.03
C ALA B 240 -1.78 13.65 25.24
N ILE B 241 -2.24 12.44 25.49
CA ILE B 241 -3.42 11.92 24.80
C ILE B 241 -4.68 12.66 25.23
N GLN B 242 -4.76 13.01 26.51
CA GLN B 242 -5.91 13.75 27.00
C GLN B 242 -5.92 15.16 26.43
N ALA B 243 -4.73 15.73 26.25
CA ALA B 243 -4.62 17.07 25.69
C ALA B 243 -5.02 17.03 24.22
N ALA B 244 -4.71 15.91 23.57
CA ALA B 244 -5.05 15.73 22.15
C ALA B 244 -6.55 15.60 22.00
N ILE B 245 -7.19 14.95 22.97
CA ILE B 245 -8.64 14.79 22.94
C ILE B 245 -9.29 16.15 23.16
N LYS B 246 -8.79 16.90 24.14
CA LYS B 246 -9.32 18.22 24.44
C LYS B 246 -9.18 19.13 23.23
N LYS B 247 -8.11 18.93 22.47
CA LYS B 247 -7.87 19.72 21.28
C LYS B 247 -9.03 19.55 20.30
N VAL B 248 -9.45 18.31 20.10
CA VAL B 248 -10.56 18.02 19.19
C VAL B 248 -11.87 18.61 19.73
N GLU B 249 -12.09 18.47 21.03
CA GLU B 249 -13.30 19.00 21.64
C GLU B 249 -13.34 20.52 21.47
N ASP B 250 -12.21 21.16 21.74
CA ASP B 250 -12.10 22.61 21.66
C ASP B 250 -12.36 23.23 20.30
N GLN B 251 -12.34 22.42 19.24
CA GLN B 251 -12.63 22.94 17.91
C GLN B 251 -14.07 23.43 17.81
N GLY B 252 -14.91 22.93 18.71
CA GLY B 252 -16.32 23.31 18.69
C GLY B 252 -16.66 24.38 19.71
N LYS B 253 -15.64 24.99 20.30
CA LYS B 253 -15.85 26.03 21.30
C LYS B 253 -15.48 27.41 20.76
N VAL B 254 -16.24 28.42 21.18
CA VAL B 254 -16.02 29.79 20.74
C VAL B 254 -14.83 30.44 21.44
C1 3PG C . 19.81 -6.80 -8.61
O1 3PG C . 19.56 -8.13 -8.42
O2 3PG C . 20.55 -6.23 -7.68
C2 3PG C . 19.29 -6.12 -9.80
O3 3PG C . 17.86 -6.02 -9.67
C3 3PG C . 19.66 -6.88 -11.06
O1P 3PG C . 21.03 -6.93 -11.23
P 3PG C . 21.63 -7.29 -12.71
O2P 3PG C . 21.13 -8.83 -13.13
O3P 3PG C . 21.08 -6.20 -13.86
O4P 3PG C . 23.31 -7.29 -12.66
C1 3PG D . -14.29 15.05 9.96
O1 3PG D . -13.83 16.13 9.31
O2 3PG D . -15.39 14.50 9.43
C2 3PG D . -13.58 14.58 11.16
O3 3PG D . -12.99 13.30 10.84
C3 3PG D . -14.53 14.48 12.33
O1P 3PG D . -15.05 15.72 12.66
P 3PG D . -15.73 15.96 14.12
O2P 3PG D . -17.09 14.96 14.23
O3P 3PG D . -14.66 15.57 15.34
O4P 3PG D . -16.24 17.56 14.24
#